data_5G66
#
_entry.id   5G66
#
_cell.length_a   80.650
_cell.length_b   94.890
_cell.length_c   62.240
_cell.angle_alpha   90.00
_cell.angle_beta   90.00
_cell.angle_gamma   90.00
#
_symmetry.space_group_name_H-M   'P 21 21 2'
#
loop_
_entity.id
_entity.type
_entity.pdbx_description
1 polymer 'NITRIC OXIDE SYNTHASE OXYGENASE'
2 non-polymer 'PROTOPORPHYRIN IX CONTAINING FE'
3 non-polymer 'CHLORIDE ION'
4 non-polymer 4-METHYLQUINOLIN-2-AMINE
5 non-polymer DI(HYDROXYETHYL)ETHER
6 non-polymer GLYCEROL
7 water water
#
_entity_poly.entity_id   1
_entity_poly.type   'polypeptide(L)'
_entity_poly.pdbx_seq_one_letter_code
;MEEKEILWNEAKAFIAACYQELGKAAEVKDRLADIKSEIDLTGSYVHTKEELEHGAKMAWRNSNRCIGRLFWNSLNVIDR
RDVRTKEEVRDALFHHIETATNNGKIRPTITIFPPEEKGEKQVEIWNHQLIRYAGYESDGERIGDPASCSLTAACEELGW
RGERTDFDLLPLIFRMKGDEQPVWYELPRSLVIEVPITHPDIEAFSDLELKWYGVPIISDMKLEVGGIHYNAAPFNGWYM
GTEIGARNLADEKRYDKLKKVASVIGIAADYNTDLWKDQALVELNKAVLHSYKKQGVSIVDHHTAASQFKRFEEQAEEAG
RKLTGDWTWLIPPISPAATHIFHRSYDNSIVKPNYFYQDKPYE
;
_entity_poly.pdbx_strand_id   A
#
loop_
_chem_comp.id
_chem_comp.type
_chem_comp.name
_chem_comp.formula
CL non-polymer 'CHLORIDE ION' 'Cl -1'
GOL non-polymer GLYCEROL 'C3 H8 O3'
HEM non-polymer 'PROTOPORPHYRIN IX CONTAINING FE' 'C34 H32 Fe N4 O4'
M5K non-polymer 4-METHYLQUINOLIN-2-AMINE 'C10 H10 N2'
PEG non-polymer DI(HYDROXYETHYL)ETHER 'C4 H10 O3'
#
# COMPACT_ATOMS: atom_id res chain seq x y z
N GLU A 2 -29.58 11.38 10.06
CA GLU A 2 -29.27 9.97 10.27
C GLU A 2 -27.80 9.66 9.96
N GLU A 3 -27.24 10.31 8.95
CA GLU A 3 -25.82 10.16 8.69
C GLU A 3 -25.10 10.85 9.84
N LYS A 4 -25.69 11.95 10.31
CA LYS A 4 -25.20 12.67 11.47
C LYS A 4 -25.14 11.74 12.67
N GLU A 5 -26.15 10.89 12.82
CA GLU A 5 -26.15 9.93 13.92
C GLU A 5 -25.01 8.96 13.83
N ILE A 6 -24.85 8.33 12.67
CA ILE A 6 -23.76 7.41 12.45
C ILE A 6 -22.42 8.08 12.73
N LEU A 7 -22.26 9.31 12.26
CA LEU A 7 -21.01 10.07 12.43
C LEU A 7 -20.73 10.25 13.91
N TRP A 8 -21.74 10.72 14.64
CA TRP A 8 -21.64 10.95 16.08
C TRP A 8 -21.25 9.68 16.83
N ASN A 9 -21.89 8.57 16.49
CA ASN A 9 -21.60 7.29 17.14
C ASN A 9 -20.17 6.83 16.89
N GLU A 10 -19.72 6.99 15.65
CA GLU A 10 -18.39 6.55 15.31
C GLU A 10 -17.41 7.46 16.04
N ALA A 11 -17.78 8.72 16.16
CA ALA A 11 -16.97 9.73 16.83
C ALA A 11 -16.73 9.39 18.31
N LYS A 12 -17.81 9.11 19.02
CA LYS A 12 -17.74 8.73 20.44
C LYS A 12 -16.82 7.54 20.63
N ALA A 13 -16.96 6.52 19.80
CA ALA A 13 -16.18 5.31 19.97
C ALA A 13 -14.70 5.57 19.70
N PHE A 14 -14.42 6.32 18.64
CA PHE A 14 -13.04 6.59 18.26
C PHE A 14 -12.34 7.51 19.28
N ILE A 15 -13.02 8.56 19.68
CA ILE A 15 -12.42 9.54 20.56
C ILE A 15 -12.12 8.91 21.92
N ALA A 16 -13.06 8.13 22.42
CA ALA A 16 -12.87 7.44 23.70
C ALA A 16 -11.63 6.53 23.63
N ALA A 17 -11.52 5.75 22.55
CA ALA A 17 -10.44 4.79 22.43
C ALA A 17 -9.10 5.47 22.20
N CYS A 18 -9.11 6.44 21.30
CA CYS A 18 -7.89 7.19 20.96
C CYS A 18 -7.33 7.90 22.21
N TYR A 19 -8.18 8.60 22.92
CA TYR A 19 -7.74 9.41 24.05
C TYR A 19 -7.29 8.52 25.20
N GLN A 20 -7.94 7.36 25.32
CA GLN A 20 -7.51 6.40 26.35
C GLN A 20 -6.10 5.89 26.03
N GLU A 21 -5.84 5.57 24.77
CA GLU A 21 -4.50 5.14 24.36
C GLU A 21 -3.47 6.26 24.52
N LEU A 22 -3.91 7.51 24.36
CA LEU A 22 -2.99 8.64 24.44
C LEU A 22 -2.83 9.17 25.86
N GLY A 23 -3.44 8.48 26.83
CA GLY A 23 -3.42 8.93 28.22
C GLY A 23 -4.26 10.17 28.51
N LYS A 24 -5.23 10.46 27.64
CA LYS A 24 -5.97 11.73 27.62
C LYS A 24 -7.44 11.55 27.99
N ALA A 25 -7.74 10.51 28.77
CA ALA A 25 -9.13 10.14 29.02
C ALA A 25 -9.95 11.24 29.67
N ALA A 26 -9.28 12.14 30.40
CA ALA A 26 -9.98 13.19 31.14
C ALA A 26 -10.45 14.30 30.21
N GLU A 27 -9.98 14.27 28.97
CA GLU A 27 -10.33 15.30 28.00
C GLU A 27 -11.44 14.87 27.07
N VAL A 28 -11.86 13.62 27.18
CA VAL A 28 -12.84 13.05 26.26
C VAL A 28 -14.18 13.76 26.35
N LYS A 29 -14.62 14.03 27.58
CA LYS A 29 -15.98 14.51 27.78
C LYS A 29 -16.22 15.85 27.07
N ASP A 30 -15.28 16.77 27.22
CA ASP A 30 -15.36 18.08 26.60
C ASP A 30 -15.10 18.01 25.10
N ARG A 31 -14.20 17.13 24.69
CA ARG A 31 -13.94 16.98 23.27
C ARG A 31 -15.20 16.48 22.56
N LEU A 32 -15.83 15.47 23.15
CA LEU A 32 -17.09 14.95 22.63
C LEU A 32 -18.16 16.04 22.62
N ALA A 33 -18.15 16.88 23.66
CA ALA A 33 -19.10 17.99 23.72
C ALA A 33 -18.89 18.90 22.52
N ASP A 34 -17.64 19.27 22.24
CA ASP A 34 -17.30 20.12 21.09
C ASP A 34 -17.68 19.46 19.77
N ILE A 35 -17.40 18.16 19.65
CA ILE A 35 -17.72 17.42 18.43
C ILE A 35 -19.23 17.36 18.16
N LYS A 36 -20.02 17.07 19.21
CA LYS A 36 -21.47 16.96 19.05
C LYS A 36 -22.06 18.26 18.53
N SER A 37 -21.53 19.37 19.05
CA SER A 37 -21.97 20.69 18.63
C SER A 37 -21.49 21.03 17.22
N GLU A 38 -20.33 20.51 16.83
CA GLU A 38 -19.80 20.76 15.49
C GLU A 38 -20.61 19.98 14.46
N ILE A 39 -21.00 18.76 14.82
CA ILE A 39 -21.79 17.93 13.93
C ILE A 39 -23.18 18.55 13.67
N ASP A 40 -23.82 19.02 14.73
CA ASP A 40 -25.10 19.70 14.63
C ASP A 40 -25.04 20.90 13.69
N LEU A 41 -24.05 21.76 13.92
CA LEU A 41 -23.92 22.99 13.16
C LEU A 41 -23.52 22.71 11.71
N THR A 42 -22.52 21.86 11.51
CA THR A 42 -21.87 21.75 10.21
C THR A 42 -22.14 20.45 9.46
N GLY A 43 -22.65 19.44 10.16
CA GLY A 43 -22.83 18.13 9.56
C GLY A 43 -21.60 17.24 9.62
N SER A 44 -20.48 17.79 10.06
CA SER A 44 -19.26 16.99 10.18
C SER A 44 -18.42 17.46 11.37
N TYR A 45 -17.24 16.89 11.53
CA TYR A 45 -16.28 17.42 12.49
C TYR A 45 -14.85 17.30 11.95
N VAL A 46 -13.94 18.05 12.54
CA VAL A 46 -12.58 18.08 12.04
C VAL A 46 -11.64 17.46 13.07
N HIS A 47 -10.83 16.49 12.67
CA HIS A 47 -9.90 15.90 13.62
C HIS A 47 -8.81 16.87 14.03
N THR A 48 -8.35 16.76 15.26
CA THR A 48 -7.12 17.45 15.65
C THR A 48 -5.98 16.71 14.96
N LYS A 49 -4.81 17.34 14.92
CA LYS A 49 -3.66 16.68 14.29
C LYS A 49 -3.28 15.41 15.05
N GLU A 50 -3.39 15.46 16.37
CA GLU A 50 -3.09 14.27 17.19
C GLU A 50 -4.06 13.09 16.93
N GLU A 51 -5.33 13.42 16.76
CA GLU A 51 -6.36 12.44 16.46
C GLU A 51 -6.11 11.84 15.09
N LEU A 52 -5.82 12.70 14.13
CA LEU A 52 -5.61 12.22 12.75
C LEU A 52 -4.41 11.29 12.71
N GLU A 53 -3.32 11.68 13.38
CA GLU A 53 -2.10 10.86 13.36
C GLU A 53 -2.31 9.51 14.05
N HIS A 54 -2.85 9.55 15.27
CA HIS A 54 -3.09 8.29 15.97
C HIS A 54 -4.13 7.43 15.26
N GLY A 55 -5.14 8.06 14.67
CA GLY A 55 -6.13 7.33 13.88
C GLY A 55 -5.55 6.58 12.69
N ALA A 56 -4.59 7.18 12.01
CA ALA A 56 -3.96 6.51 10.87
C ALA A 56 -3.14 5.34 11.36
N LYS A 57 -2.52 5.52 12.52
CA LYS A 57 -1.73 4.45 13.13
C LYS A 57 -2.62 3.31 13.57
N MET A 58 -3.74 3.63 14.21
CA MET A 58 -4.69 2.57 14.62
C MET A 58 -5.19 1.80 13.40
N ALA A 59 -5.42 2.53 12.32
CA ALA A 59 -5.92 1.89 11.11
C ALA A 59 -4.92 0.87 10.58
N TRP A 60 -3.62 1.20 10.61
CA TRP A 60 -2.62 0.24 10.21
C TRP A 60 -2.63 -0.96 11.17
N ARG A 61 -2.64 -0.65 12.46
CA ARG A 61 -2.66 -1.69 13.48
C ARG A 61 -3.82 -2.70 13.29
N ASN A 62 -4.93 -2.20 12.77
CA ASN A 62 -6.13 -3.01 12.58
C ASN A 62 -6.22 -3.67 11.20
N SER A 63 -5.21 -3.49 10.37
CA SER A 63 -5.21 -4.04 9.01
C SER A 63 -4.93 -5.55 9.03
N ASN A 64 -6.03 -6.30 9.06
CA ASN A 64 -5.97 -7.77 9.23
C ASN A 64 -5.06 -8.46 8.27
N ARG A 65 -4.90 -7.90 7.08
CA ARG A 65 -4.16 -8.60 6.03
C ARG A 65 -2.67 -8.29 6.01
N CYS A 66 -2.23 -7.43 6.95
CA CYS A 66 -0.87 -6.92 6.89
C CYS A 66 0.05 -7.60 7.91
N ILE A 67 1.09 -8.23 7.39
CA ILE A 67 2.08 -8.92 8.22
C ILE A 67 3.05 -7.91 8.84
N GLY A 68 3.05 -6.66 8.33
CA GLY A 68 4.11 -5.78 8.78
C GLY A 68 3.73 -4.87 9.94
N ARG A 69 2.65 -5.20 10.64
CA ARG A 69 2.07 -4.27 11.59
C ARG A 69 2.86 -4.00 12.88
N LEU A 70 3.93 -4.74 13.13
CA LEU A 70 4.71 -4.46 14.39
C LEU A 70 5.01 -2.98 14.48
N PHE A 71 5.28 -2.38 13.34
CA PHE A 71 5.77 -0.99 13.35
C PHE A 71 4.70 0.10 13.24
N TRP A 72 3.46 -0.30 13.50
CA TRP A 72 2.31 0.62 13.36
C TRP A 72 2.51 1.99 14.05
N ASN A 73 3.17 2.02 15.21
CA ASN A 73 3.23 3.26 15.99
C ASN A 73 4.27 4.22 15.49
N SER A 74 5.05 3.81 14.49
CA SER A 74 6.05 4.72 13.99
C SER A 74 5.73 5.26 12.59
N LEU A 75 4.50 5.01 12.13
CA LEU A 75 4.03 5.58 10.87
C LEU A 75 4.27 7.11 10.82
N ASN A 76 4.80 7.62 9.70
CA ASN A 76 5.01 9.07 9.52
C ASN A 76 3.75 9.65 8.90
N VAL A 77 2.99 10.46 9.63
CA VAL A 77 1.71 10.95 9.11
C VAL A 77 1.86 12.38 8.63
N ILE A 78 1.60 12.62 7.34
CA ILE A 78 1.69 13.99 6.81
C ILE A 78 0.29 14.53 6.59
N ASP A 79 -0.05 15.61 7.27
CA ASP A 79 -1.39 16.19 7.20
C ASP A 79 -1.53 17.18 6.04
N ARG A 80 -2.15 16.72 4.95
CA ARG A 80 -2.40 17.63 3.81
C ARG A 80 -3.88 17.97 3.61
N ARG A 81 -4.59 18.14 4.72
CA ARG A 81 -5.99 18.55 4.65
C ARG A 81 -6.15 19.98 4.17
N ASP A 82 -5.03 20.71 4.08
CA ASP A 82 -5.04 22.08 3.58
C ASP A 82 -5.03 22.24 2.04
N VAL A 83 -4.84 21.15 1.28
CA VAL A 83 -4.71 21.35 -0.18
C VAL A 83 -6.04 21.67 -0.83
N ARG A 84 -5.98 22.51 -1.85
CA ARG A 84 -7.17 22.98 -2.56
C ARG A 84 -7.03 22.94 -4.08
N THR A 85 -5.80 22.85 -4.59
CA THR A 85 -5.57 22.91 -6.05
C THR A 85 -4.87 21.65 -6.57
N LYS A 86 -4.93 21.45 -7.88
CA LYS A 86 -4.34 20.21 -8.41
C LYS A 86 -2.81 20.30 -8.36
N GLU A 87 -2.26 21.50 -8.46
CA GLU A 87 -0.82 21.63 -8.27
C GLU A 87 -0.36 21.26 -6.85
N GLU A 88 -1.12 21.68 -5.84
CA GLU A 88 -0.81 21.28 -4.45
C GLU A 88 -0.91 19.76 -4.28
N VAL A 89 -1.94 19.15 -4.86
CA VAL A 89 -2.04 17.68 -4.76
C VAL A 89 -0.85 17.00 -5.41
N ARG A 90 -0.53 17.42 -6.64
CA ARG A 90 0.60 16.86 -7.35
C ARG A 90 1.88 17.01 -6.55
N ASP A 91 2.13 18.19 -6.03
CA ASP A 91 3.36 18.42 -5.31
C ASP A 91 3.37 17.62 -4.00
N ALA A 92 2.20 17.42 -3.40
CA ALA A 92 2.12 16.59 -2.18
C ALA A 92 2.45 15.13 -2.48
N LEU A 93 2.05 14.69 -3.66
CA LEU A 93 2.32 13.31 -4.04
C LEU A 93 3.81 13.12 -4.39
N PHE A 94 4.38 14.07 -5.12
CA PHE A 94 5.83 14.09 -5.37
C PHE A 94 6.59 14.07 -4.04
N HIS A 95 6.16 14.93 -3.10
CA HIS A 95 6.82 15.00 -1.80
C HIS A 95 6.72 13.67 -1.03
N HIS A 96 5.54 13.06 -1.07
CA HIS A 96 5.39 11.76 -0.43
C HIS A 96 6.41 10.77 -0.99
N ILE A 97 6.48 10.67 -2.31
CA ILE A 97 7.49 9.78 -2.89
C ILE A 97 8.91 10.08 -2.38
N GLU A 98 9.32 11.35 -2.40
CA GLU A 98 10.68 11.69 -1.97
C GLU A 98 10.92 11.34 -0.50
N THR A 99 9.98 11.70 0.37
CA THR A 99 10.26 11.56 1.82
C THR A 99 10.12 10.10 2.26
N ALA A 100 9.20 9.37 1.62
CA ALA A 100 8.99 7.94 1.92
C ALA A 100 10.20 7.17 1.44
N THR A 101 10.72 7.56 0.25
CA THR A 101 11.88 6.85 -0.31
C THR A 101 13.15 7.07 0.53
N ASN A 102 13.41 8.33 0.87
CA ASN A 102 14.46 8.64 1.83
C ASN A 102 15.80 8.05 1.41
N ASN A 103 16.13 8.20 0.13
CA ASN A 103 17.39 7.67 -0.43
C ASN A 103 17.57 6.17 -0.26
N GLY A 104 16.46 5.47 -0.11
CA GLY A 104 16.48 4.01 0.00
C GLY A 104 16.16 3.51 1.42
N LYS A 105 16.33 4.37 2.43
CA LYS A 105 16.03 3.92 3.78
C LYS A 105 14.57 4.23 4.04
N ILE A 106 13.69 3.39 3.51
CA ILE A 106 12.27 3.74 3.37
C ILE A 106 11.58 4.04 4.68
N ARG A 107 10.80 5.13 4.70
CA ARG A 107 10.01 5.56 5.86
C ARG A 107 8.56 5.26 5.60
N PRO A 108 7.93 4.41 6.45
CA PRO A 108 6.48 4.23 6.30
C PRO A 108 5.77 5.53 6.54
N THR A 109 4.97 5.97 5.55
CA THR A 109 4.44 7.33 5.52
C THR A 109 3.00 7.28 4.97
N ILE A 110 2.15 8.17 5.46
CA ILE A 110 0.84 8.32 4.80
C ILE A 110 0.63 9.82 4.63
N THR A 111 0.07 10.25 3.49
CA THR A 111 -0.25 11.67 3.30
C THR A 111 -1.76 11.71 3.27
N ILE A 112 -2.37 12.54 4.09
CA ILE A 112 -3.82 12.55 4.19
C ILE A 112 -4.41 13.81 3.59
N PHE A 113 -5.24 13.65 2.55
CA PHE A 113 -5.82 14.81 1.85
C PHE A 113 -7.19 15.12 2.48
N PRO A 114 -7.88 16.21 2.03
CA PRO A 114 -9.18 16.51 2.65
C PRO A 114 -10.16 15.34 2.54
N PRO A 115 -10.99 15.14 3.58
CA PRO A 115 -11.89 13.98 3.56
C PRO A 115 -13.13 14.26 2.73
N GLU A 116 -13.93 13.22 2.47
CA GLU A 116 -15.23 13.41 1.84
C GLU A 116 -16.07 14.31 2.73
N GLU A 117 -16.86 15.18 2.10
CA GLU A 117 -17.67 16.14 2.82
C GLU A 117 -19.02 15.52 3.13
N LYS A 118 -19.86 15.42 2.12
CA LYS A 118 -21.12 14.71 2.30
C LYS A 118 -21.13 13.46 1.42
N GLY A 119 -20.07 12.67 1.52
CA GLY A 119 -19.83 11.59 0.56
C GLY A 119 -19.23 12.16 -0.72
N GLU A 120 -19.17 13.49 -0.80
CA GLU A 120 -18.52 14.14 -1.92
C GLU A 120 -17.01 14.19 -1.77
N LYS A 121 -16.31 13.52 -2.68
CA LYS A 121 -14.86 13.50 -2.67
C LYS A 121 -14.31 14.86 -3.04
N GLN A 122 -13.24 15.27 -2.34
CA GLN A 122 -12.56 16.52 -2.67
C GLN A 122 -11.44 16.24 -3.67
N VAL A 123 -10.82 15.09 -3.53
CA VAL A 123 -9.69 14.70 -4.37
C VAL A 123 -9.88 13.22 -4.59
N GLU A 124 -9.77 12.76 -5.83
CA GLU A 124 -9.91 11.32 -6.09
C GLU A 124 -8.68 10.83 -6.85
N ILE A 125 -7.89 9.97 -6.24
CA ILE A 125 -6.69 9.48 -6.89
C ILE A 125 -7.01 8.21 -7.68
N TRP A 126 -6.67 8.21 -8.97
CA TRP A 126 -6.96 7.07 -9.84
C TRP A 126 -5.90 5.98 -9.76
N ASN A 127 -4.63 6.35 -9.50
CA ASN A 127 -3.55 5.36 -9.39
C ASN A 127 -3.84 4.31 -8.36
N HIS A 128 -3.47 3.07 -8.69
CA HIS A 128 -3.53 2.00 -7.68
C HIS A 128 -2.37 2.16 -6.68
N GLN A 129 -1.15 2.32 -7.18
CA GLN A 129 -0.02 2.79 -6.39
C GLN A 129 0.58 4.03 -7.09
N LEU A 130 1.26 4.87 -6.31
CA LEU A 130 1.77 6.09 -6.97
C LEU A 130 2.84 5.77 -7.99
N ILE A 131 3.60 4.70 -7.74
CA ILE A 131 4.62 4.24 -8.69
C ILE A 131 4.15 2.87 -9.14
N ARG A 132 3.89 2.70 -10.44
CA ARG A 132 3.38 1.39 -10.92
C ARG A 132 3.67 1.35 -12.42
N TYR A 133 3.87 0.15 -12.99
CA TYR A 133 4.14 0.05 -14.41
C TYR A 133 2.87 -0.10 -15.25
N ALA A 134 2.89 0.50 -16.46
CA ALA A 134 1.79 0.39 -17.39
C ALA A 134 1.68 -1.03 -17.97
N GLY A 135 0.52 -1.36 -18.53
CA GLY A 135 0.37 -2.65 -19.21
C GLY A 135 -0.43 -2.49 -20.47
N TYR A 136 -0.14 -3.29 -21.50
CA TYR A 136 -0.77 -3.12 -22.80
C TYR A 136 -1.07 -4.49 -23.38
N GLU A 137 -2.06 -4.56 -24.27
CA GLU A 137 -2.39 -5.81 -24.93
C GLU A 137 -3.06 -5.39 -26.19
N SER A 138 -2.52 -5.82 -27.32
CA SER A 138 -3.26 -5.76 -28.57
C SER A 138 -2.59 -6.58 -29.65
N ASP A 139 -3.40 -7.05 -30.59
CA ASP A 139 -2.95 -8.00 -31.57
C ASP A 139 -2.08 -9.08 -30.94
N GLY A 140 -2.61 -9.73 -29.91
CA GLY A 140 -1.95 -10.83 -29.26
C GLY A 140 -0.76 -10.47 -28.39
N GLU A 141 -0.19 -9.28 -28.59
CA GLU A 141 1.04 -8.91 -27.87
C GLU A 141 0.75 -8.28 -26.49
N ARG A 142 1.32 -8.86 -25.45
CA ARG A 142 1.24 -8.32 -24.10
C ARG A 142 2.56 -7.63 -23.68
N ILE A 143 2.44 -6.41 -23.14
CA ILE A 143 3.63 -5.64 -22.78
C ILE A 143 3.38 -5.09 -21.39
N GLY A 144 4.40 -5.14 -20.52
CA GLY A 144 4.32 -4.51 -19.21
C GLY A 144 3.46 -5.31 -18.25
N ASP A 145 2.79 -4.62 -17.32
CA ASP A 145 2.08 -5.25 -16.22
C ASP A 145 0.58 -5.41 -16.56
N PRO A 146 0.14 -6.64 -16.81
CA PRO A 146 -1.27 -6.78 -17.17
C PRO A 146 -2.25 -6.20 -16.13
N ALA A 147 -1.87 -6.17 -14.86
CA ALA A 147 -2.76 -5.68 -13.82
C ALA A 147 -3.01 -4.19 -14.05
N SER A 148 -2.14 -3.54 -14.84
CA SER A 148 -2.35 -2.10 -15.13
C SER A 148 -3.07 -1.76 -16.40
N CYS A 149 -3.54 -2.79 -17.12
CA CYS A 149 -4.14 -2.55 -18.41
C CYS A 149 -5.30 -1.56 -18.39
N SER A 150 -6.22 -1.69 -17.42
CA SER A 150 -7.41 -0.82 -17.50
C SER A 150 -7.03 0.65 -17.18
N LEU A 151 -6.14 0.84 -16.21
CA LEU A 151 -5.73 2.21 -15.86
C LEU A 151 -4.89 2.77 -16.98
N THR A 152 -4.02 1.95 -17.58
CA THR A 152 -3.21 2.42 -18.73
C THR A 152 -4.09 2.92 -19.88
N ALA A 153 -5.11 2.15 -20.23
CA ALA A 153 -6.04 2.56 -21.28
C ALA A 153 -6.77 3.88 -20.94
N ALA A 154 -7.17 4.05 -19.69
CA ALA A 154 -7.85 5.28 -19.26
C ALA A 154 -6.89 6.44 -19.39
N CYS A 155 -5.62 6.24 -19.04
CA CYS A 155 -4.64 7.33 -19.18
C CYS A 155 -4.41 7.70 -20.63
N GLU A 156 -4.32 6.68 -21.49
CA GLU A 156 -4.14 7.03 -22.90
C GLU A 156 -5.38 7.62 -23.54
N GLU A 157 -6.56 7.36 -22.98
CA GLU A 157 -7.75 8.09 -23.44
C GLU A 157 -7.59 9.57 -23.19
N LEU A 158 -6.87 9.91 -22.12
CA LEU A 158 -6.71 11.29 -21.63
C LEU A 158 -5.49 11.97 -22.20
N GLY A 159 -4.87 11.32 -23.18
CA GLY A 159 -3.81 11.97 -23.92
C GLY A 159 -2.40 11.59 -23.48
N TRP A 160 -2.27 10.75 -22.45
CA TRP A 160 -0.95 10.22 -22.09
C TRP A 160 -0.58 9.20 -23.18
N ARG A 161 0.71 8.97 -23.41
CA ARG A 161 1.17 7.91 -24.33
C ARG A 161 2.37 7.21 -23.71
N GLY A 162 2.28 5.88 -23.57
CA GLY A 162 3.38 5.13 -22.99
C GLY A 162 4.38 4.74 -24.08
N GLU A 163 5.65 4.56 -23.68
CA GLU A 163 6.69 4.16 -24.62
C GLU A 163 6.57 2.67 -25.03
N ARG A 164 5.78 1.95 -24.26
CA ARG A 164 5.53 0.50 -24.46
C ARG A 164 6.80 -0.32 -24.25
N THR A 165 7.58 0.09 -23.25
CA THR A 165 8.52 -0.85 -22.66
C THR A 165 7.72 -1.70 -21.67
N ASP A 166 8.40 -2.68 -21.07
CA ASP A 166 7.74 -3.51 -20.08
C ASP A 166 7.66 -2.81 -18.74
N PHE A 167 8.28 -1.62 -18.63
CA PHE A 167 8.39 -0.94 -17.34
C PHE A 167 8.09 0.55 -17.49
N ASP A 168 7.05 0.90 -18.25
CA ASP A 168 6.73 2.35 -18.35
C ASP A 168 6.14 2.83 -17.05
N LEU A 169 6.61 3.97 -16.51
CA LEU A 169 5.96 4.46 -15.28
C LEU A 169 4.66 5.17 -15.65
N LEU A 170 3.58 4.79 -14.99
CA LEU A 170 2.33 5.46 -15.25
C LEU A 170 2.45 6.87 -14.65
N PRO A 171 1.72 7.80 -15.21
CA PRO A 171 1.73 9.16 -14.66
C PRO A 171 0.84 9.15 -13.41
N LEU A 172 1.00 10.16 -12.54
CA LEU A 172 0.04 10.35 -11.49
C LEU A 172 -1.25 10.79 -12.18
N ILE A 173 -2.39 10.34 -11.68
CA ILE A 173 -3.64 10.73 -12.29
C ILE A 173 -4.70 10.84 -11.19
N PHE A 174 -5.30 12.01 -11.09
CA PHE A 174 -6.29 12.25 -10.03
C PHE A 174 -7.26 13.30 -10.51
N ARG A 175 -8.43 13.34 -9.86
CA ARG A 175 -9.46 14.28 -10.20
C ARG A 175 -9.85 15.14 -9.01
N MET A 176 -10.07 16.42 -9.26
CA MET A 176 -10.47 17.37 -8.23
C MET A 176 -11.97 17.53 -8.29
N LYS A 177 -12.58 17.69 -7.12
CA LYS A 177 -13.98 18.07 -7.00
C LYS A 177 -14.27 19.22 -7.93
N GLY A 178 -15.30 19.06 -8.75
CA GLY A 178 -15.74 20.16 -9.58
C GLY A 178 -15.26 20.00 -11.00
N ASP A 179 -14.24 19.17 -11.20
CA ASP A 179 -13.73 18.88 -12.53
C ASP A 179 -14.37 17.63 -13.06
N GLU A 180 -14.73 17.64 -14.33
CA GLU A 180 -15.29 16.47 -14.99
C GLU A 180 -14.25 15.38 -15.23
N GLN A 181 -13.04 15.79 -15.61
CA GLN A 181 -11.98 14.80 -15.89
C GLN A 181 -10.80 14.88 -14.93
N PRO A 182 -10.08 13.76 -14.73
CA PRO A 182 -8.86 13.87 -13.94
C PRO A 182 -7.77 14.60 -14.77
N VAL A 183 -6.68 14.98 -14.11
CA VAL A 183 -5.52 15.49 -14.80
C VAL A 183 -4.43 14.42 -14.59
N TRP A 184 -3.43 14.40 -15.48
CA TRP A 184 -2.29 13.56 -15.20
C TRP A 184 -0.96 14.31 -15.31
N TYR A 185 0.06 13.80 -14.59
CA TYR A 185 1.40 14.38 -14.57
C TYR A 185 2.43 13.25 -14.67
N GLU A 186 3.39 13.40 -15.58
CA GLU A 186 4.45 12.39 -15.69
C GLU A 186 5.27 12.38 -14.39
N LEU A 187 5.67 11.20 -13.89
CA LEU A 187 6.59 11.18 -12.73
C LEU A 187 8.00 11.61 -13.10
N PRO A 188 8.58 12.56 -12.36
CA PRO A 188 10.00 12.88 -12.56
C PRO A 188 10.87 11.65 -12.21
N ARG A 189 11.69 11.19 -13.15
CA ARG A 189 12.43 9.94 -12.95
C ARG A 189 13.41 10.05 -11.78
N SER A 190 13.93 11.24 -11.53
CA SER A 190 14.80 11.46 -10.38
C SER A 190 14.14 11.11 -9.02
N LEU A 191 12.81 11.06 -8.96
CA LEU A 191 12.12 10.75 -7.70
C LEU A 191 11.96 9.24 -7.49
N VAL A 192 12.10 8.46 -8.56
CA VAL A 192 11.70 7.05 -8.49
C VAL A 192 12.91 6.13 -8.44
N ILE A 193 13.15 5.46 -7.31
CA ILE A 193 14.24 4.51 -7.26
C ILE A 193 13.75 3.18 -7.80
N GLU A 194 14.55 2.56 -8.67
CA GLU A 194 14.24 1.22 -9.16
C GLU A 194 15.46 0.36 -8.93
N VAL A 195 15.23 -0.95 -8.79
CA VAL A 195 16.30 -1.86 -8.47
C VAL A 195 16.40 -2.92 -9.59
N PRO A 196 17.54 -3.01 -10.28
CA PRO A 196 17.72 -4.10 -11.27
C PRO A 196 17.86 -5.40 -10.53
N ILE A 197 17.29 -6.49 -11.04
CA ILE A 197 17.35 -7.74 -10.30
C ILE A 197 18.54 -8.54 -10.81
N THR A 198 19.49 -8.80 -9.91
CA THR A 198 20.61 -9.68 -10.15
C THR A 198 20.58 -10.78 -9.08
N HIS A 199 21.36 -11.83 -9.31
CA HIS A 199 21.39 -12.96 -8.38
C HIS A 199 22.76 -13.02 -7.74
N PRO A 200 22.82 -13.46 -6.47
CA PRO A 200 24.11 -13.43 -5.77
C PRO A 200 25.19 -14.30 -6.41
N ASP A 201 24.83 -15.37 -7.09
CA ASP A 201 25.89 -16.20 -7.66
C ASP A 201 25.64 -16.74 -9.07
N ILE A 202 24.47 -16.45 -9.63
CA ILE A 202 24.16 -16.84 -11.01
C ILE A 202 24.30 -15.61 -11.91
N GLU A 203 25.44 -15.50 -12.57
CA GLU A 203 25.73 -14.27 -13.30
C GLU A 203 24.73 -13.99 -14.44
N ALA A 204 24.21 -15.05 -15.03
CA ALA A 204 23.32 -14.88 -16.18
C ALA A 204 21.97 -14.29 -15.79
N PHE A 205 21.70 -14.19 -14.50
CA PHE A 205 20.36 -13.76 -14.08
C PHE A 205 20.05 -12.37 -14.66
N SER A 206 21.07 -11.53 -14.81
CA SER A 206 20.82 -10.20 -15.33
C SER A 206 20.36 -10.22 -16.79
N ASP A 207 20.53 -11.35 -17.47
CA ASP A 207 20.05 -11.46 -18.87
C ASP A 207 18.55 -11.27 -18.98
N LEU A 208 17.82 -11.53 -17.88
CA LEU A 208 16.36 -11.40 -17.87
C LEU A 208 15.95 -9.92 -17.90
N GLU A 209 16.92 -9.06 -17.65
CA GLU A 209 16.65 -7.62 -17.56
C GLU A 209 15.39 -7.26 -16.73
N LEU A 210 15.23 -7.89 -15.56
CA LEU A 210 14.13 -7.60 -14.63
C LEU A 210 14.52 -6.43 -13.72
N LYS A 211 13.53 -5.63 -13.33
CA LYS A 211 13.74 -4.64 -12.28
C LYS A 211 12.41 -4.46 -11.58
N TRP A 212 12.39 -3.75 -10.46
CA TRP A 212 11.15 -3.39 -9.82
C TRP A 212 11.39 -2.06 -9.10
N TYR A 213 10.32 -1.36 -8.74
CA TYR A 213 10.50 -0.04 -8.14
C TYR A 213 10.67 -0.23 -6.62
N GLY A 214 11.27 0.77 -5.98
CA GLY A 214 11.65 0.57 -4.58
C GLY A 214 10.49 0.60 -3.60
N VAL A 215 9.50 1.43 -3.86
CA VAL A 215 8.54 1.75 -2.79
C VAL A 215 7.09 1.52 -3.23
N PRO A 216 6.34 0.62 -2.54
CA PRO A 216 4.92 0.38 -2.82
C PRO A 216 4.08 1.42 -2.09
N ILE A 217 3.39 2.30 -2.82
CA ILE A 217 2.71 3.43 -2.19
C ILE A 217 1.26 3.33 -2.62
N ILE A 218 0.46 2.64 -1.82
CA ILE A 218 -0.91 2.27 -2.21
C ILE A 218 -1.80 3.48 -2.09
N SER A 219 -2.45 3.84 -3.20
CA SER A 219 -3.05 5.18 -3.30
C SER A 219 -4.54 5.19 -3.61
N ASP A 220 -5.17 4.01 -3.56
CA ASP A 220 -6.58 3.92 -3.93
C ASP A 220 -7.46 3.35 -2.80
N MET A 221 -6.94 3.30 -1.57
CA MET A 221 -7.79 2.86 -0.47
C MET A 221 -8.29 4.03 0.38
N LYS A 222 -9.36 3.81 1.14
CA LYS A 222 -9.94 4.84 1.98
C LYS A 222 -9.56 4.62 3.44
N LEU A 223 -9.12 5.67 4.10
CA LEU A 223 -8.82 5.60 5.55
C LEU A 223 -10.05 6.10 6.24
N GLU A 224 -10.61 5.28 7.14
CA GLU A 224 -11.76 5.73 7.89
C GLU A 224 -11.35 5.87 9.35
N VAL A 225 -11.62 7.06 9.93
CA VAL A 225 -11.27 7.31 11.33
C VAL A 225 -12.41 8.05 11.99
N GLY A 226 -13.02 7.46 13.01
CA GLY A 226 -14.09 8.14 13.75
C GLY A 226 -15.20 8.65 12.86
N GLY A 227 -15.50 7.90 11.82
CA GLY A 227 -16.63 8.24 10.96
C GLY A 227 -16.30 9.21 9.85
N ILE A 228 -15.05 9.67 9.82
CA ILE A 228 -14.60 10.57 8.74
C ILE A 228 -13.92 9.72 7.67
N HIS A 229 -14.25 9.96 6.42
CA HIS A 229 -13.81 9.07 5.32
C HIS A 229 -12.74 9.77 4.49
N TYR A 230 -11.49 9.42 4.72
CA TYR A 230 -10.39 9.98 3.95
C TYR A 230 -10.16 9.08 2.75
N ASN A 231 -10.88 9.35 1.66
CA ASN A 231 -10.78 8.48 0.50
C ASN A 231 -9.47 8.67 -0.24
N ALA A 232 -8.82 9.83 -0.01
CA ALA A 232 -7.54 10.09 -0.63
C ALA A 232 -6.47 10.18 0.45
N ALA A 233 -5.71 9.11 0.60
CA ALA A 233 -4.73 9.04 1.68
C ALA A 233 -3.69 7.98 1.36
N PRO A 234 -2.78 8.28 0.44
CA PRO A 234 -1.84 7.22 0.02
C PRO A 234 -0.84 6.87 1.15
N PHE A 235 -0.46 5.60 1.24
CA PHE A 235 0.46 5.18 2.29
C PHE A 235 1.41 4.12 1.76
N ASN A 236 2.59 4.02 2.37
CA ASN A 236 3.59 3.05 1.92
C ASN A 236 4.28 2.39 3.11
N GLY A 237 4.85 1.25 2.81
CA GLY A 237 5.87 0.64 3.66
C GLY A 237 7.08 0.37 2.79
N TRP A 238 7.90 -0.59 3.23
CA TRP A 238 8.88 -1.25 2.37
C TRP A 238 8.28 -2.58 1.98
N TYR A 239 8.85 -3.17 0.92
CA TYR A 239 8.31 -4.43 0.39
C TYR A 239 8.72 -5.59 1.28
N MET A 240 7.86 -6.62 1.30
CA MET A 240 8.33 -7.96 1.67
C MET A 240 8.71 -8.63 0.36
N GLY A 241 9.90 -9.27 0.30
CA GLY A 241 10.46 -9.71 -0.97
C GLY A 241 9.52 -10.59 -1.82
N THR A 242 8.76 -11.48 -1.17
CA THR A 242 7.83 -12.33 -1.93
C THR A 242 6.75 -11.54 -2.70
N GLU A 243 6.42 -10.32 -2.28
CA GLU A 243 5.43 -9.56 -3.08
C GLU A 243 5.92 -9.37 -4.50
N ILE A 244 7.23 -9.16 -4.62
CA ILE A 244 7.85 -8.92 -5.91
C ILE A 244 8.19 -10.25 -6.56
N GLY A 245 8.88 -11.11 -5.81
CA GLY A 245 9.47 -12.29 -6.43
C GLY A 245 8.49 -13.45 -6.63
N ALA A 246 7.48 -13.54 -5.78
CA ALA A 246 6.51 -14.65 -5.86
C ALA A 246 5.22 -14.29 -6.52
N ARG A 247 4.99 -12.98 -6.75
CA ARG A 247 3.69 -12.59 -7.26
C ARG A 247 3.85 -11.63 -8.46
N ASN A 248 4.41 -10.45 -8.20
CA ASN A 248 4.46 -9.46 -9.29
C ASN A 248 5.25 -9.97 -10.49
N LEU A 249 6.40 -10.61 -10.22
CA LEU A 249 7.22 -11.11 -11.33
C LEU A 249 6.87 -12.54 -11.75
N ALA A 250 6.18 -13.28 -10.86
CA ALA A 250 5.85 -14.71 -11.11
C ALA A 250 4.49 -15.10 -11.60
N ASP A 251 3.45 -14.40 -11.15
CA ASP A 251 2.08 -14.81 -11.48
C ASP A 251 1.91 -14.88 -13.01
N GLU A 252 1.18 -15.87 -13.48
CA GLU A 252 0.93 -15.95 -14.94
C GLU A 252 0.17 -14.74 -15.46
N LYS A 253 -0.67 -14.14 -14.61
CA LYS A 253 -1.43 -12.95 -15.02
C LYS A 253 -0.67 -11.64 -14.70
N ARG A 254 0.58 -11.76 -14.25
CA ARG A 254 1.45 -10.59 -14.12
C ARG A 254 2.64 -10.73 -15.09
N TYR A 255 3.89 -10.62 -14.61
CA TYR A 255 5.03 -10.69 -15.53
C TYR A 255 5.42 -12.11 -15.93
N ASP A 256 4.88 -13.11 -15.22
CA ASP A 256 4.93 -14.51 -15.74
C ASP A 256 6.38 -14.95 -16.12
N LYS A 257 7.32 -14.72 -15.22
CA LYS A 257 8.74 -14.97 -15.52
C LYS A 257 9.33 -16.33 -15.14
N LEU A 258 8.54 -17.25 -14.61
CA LEU A 258 9.20 -18.46 -14.07
C LEU A 258 9.89 -19.33 -15.10
N LYS A 259 9.31 -19.48 -16.29
CA LYS A 259 9.96 -20.32 -17.30
C LYS A 259 11.31 -19.70 -17.72
N LYS A 260 11.33 -18.38 -17.89
CA LYS A 260 12.57 -17.66 -18.17
C LYS A 260 13.59 -17.78 -17.04
N VAL A 261 13.11 -17.72 -15.79
CA VAL A 261 14.00 -17.90 -14.64
C VAL A 261 14.60 -19.30 -14.66
N ALA A 262 13.76 -20.31 -14.92
CA ALA A 262 14.26 -21.66 -14.93
C ALA A 262 15.38 -21.79 -15.95
N SER A 263 15.16 -21.22 -17.14
CA SER A 263 16.15 -21.35 -18.18
C SER A 263 17.48 -20.71 -17.77
N VAL A 264 17.43 -19.50 -17.21
CA VAL A 264 18.70 -18.83 -16.82
C VAL A 264 19.40 -19.48 -15.64
N ILE A 265 18.67 -20.17 -14.77
CA ILE A 265 19.35 -20.88 -13.69
C ILE A 265 19.76 -22.30 -14.08
N GLY A 266 19.47 -22.66 -15.32
CA GLY A 266 20.03 -23.88 -15.89
C GLY A 266 19.26 -25.14 -15.53
N ILE A 267 17.97 -25.02 -15.26
CA ILE A 267 17.15 -26.23 -14.99
C ILE A 267 16.06 -26.42 -16.03
N ALA A 268 15.69 -27.68 -16.29
CA ALA A 268 14.59 -27.97 -17.21
C ALA A 268 13.25 -27.52 -16.63
N ALA A 269 12.33 -27.08 -17.50
CA ALA A 269 10.99 -26.69 -17.07
C ALA A 269 9.96 -27.59 -17.75
N ASP A 270 10.22 -28.89 -17.72
CA ASP A 270 9.44 -29.85 -18.47
C ASP A 270 8.54 -30.74 -17.60
N TYR A 271 8.91 -30.96 -16.34
CA TYR A 271 8.24 -32.04 -15.56
C TYR A 271 7.78 -31.47 -14.21
N ASN A 272 6.51 -31.66 -13.84
CA ASN A 272 6.03 -31.06 -12.59
C ASN A 272 6.82 -31.67 -11.43
N THR A 273 7.15 -32.94 -11.55
CA THR A 273 7.86 -33.65 -10.45
C THR A 273 9.28 -33.13 -10.20
N ASP A 274 9.82 -32.32 -11.12
CA ASP A 274 11.15 -31.73 -10.89
C ASP A 274 11.09 -30.53 -9.96
N LEU A 275 9.86 -30.10 -9.69
CA LEU A 275 9.60 -28.89 -8.91
C LEU A 275 10.38 -27.69 -9.44
N TRP A 276 10.38 -27.52 -10.76
CA TRP A 276 11.17 -26.42 -11.31
C TRP A 276 10.51 -25.10 -11.03
N LYS A 277 9.17 -25.06 -10.96
CA LYS A 277 8.57 -23.76 -10.60
C LYS A 277 8.96 -23.33 -9.19
N ASP A 278 8.98 -24.31 -8.29
CA ASP A 278 9.34 -24.00 -6.89
C ASP A 278 10.78 -23.54 -6.76
N GLN A 279 11.68 -24.24 -7.44
CA GLN A 279 13.11 -23.91 -7.48
C GLN A 279 13.32 -22.52 -8.10
N ALA A 280 12.67 -22.27 -9.23
CA ALA A 280 12.73 -20.95 -9.84
C ALA A 280 12.24 -19.85 -8.92
N LEU A 281 11.12 -20.11 -8.24
CA LEU A 281 10.58 -19.16 -7.26
C LEU A 281 11.60 -18.82 -6.19
N VAL A 282 12.24 -19.86 -5.67
CA VAL A 282 13.23 -19.63 -4.60
C VAL A 282 14.39 -18.76 -5.12
N GLU A 283 14.92 -19.08 -6.30
CA GLU A 283 16.07 -18.32 -6.81
C GLU A 283 15.63 -16.92 -7.15
N LEU A 284 14.45 -16.76 -7.75
CA LEU A 284 13.97 -15.38 -8.04
C LEU A 284 13.79 -14.57 -6.79
N ASN A 285 13.28 -15.21 -5.73
CA ASN A 285 13.08 -14.51 -4.48
C ASN A 285 14.38 -14.23 -3.76
N LYS A 286 15.40 -15.09 -3.91
CA LYS A 286 16.72 -14.79 -3.36
C LYS A 286 17.31 -13.60 -4.12
N ALA A 287 17.07 -13.55 -5.43
CA ALA A 287 17.67 -12.47 -6.25
C ALA A 287 17.08 -11.14 -5.86
N VAL A 288 15.77 -11.13 -5.67
CA VAL A 288 15.07 -9.89 -5.28
C VAL A 288 15.62 -9.31 -3.96
N LEU A 289 15.73 -10.14 -2.93
CA LEU A 289 16.31 -9.68 -1.65
C LEU A 289 17.74 -9.20 -1.77
N HIS A 290 18.55 -9.97 -2.47
CA HIS A 290 19.94 -9.60 -2.75
C HIS A 290 20.05 -8.23 -3.42
N SER A 291 19.19 -8.04 -4.44
CA SER A 291 19.31 -6.85 -5.27
C SER A 291 18.92 -5.59 -4.48
N TYR A 292 17.83 -5.69 -3.70
CA TYR A 292 17.39 -4.54 -2.89
C TYR A 292 18.47 -4.23 -1.85
N LYS A 293 18.99 -5.29 -1.22
CA LYS A 293 20.06 -5.12 -0.20
C LYS A 293 21.32 -4.49 -0.80
N LYS A 294 21.75 -4.96 -1.96
CA LYS A 294 22.97 -4.46 -2.57
C LYS A 294 22.83 -2.99 -2.92
N GLN A 295 21.62 -2.59 -3.30
CA GLN A 295 21.39 -1.21 -3.68
C GLN A 295 21.08 -0.28 -2.49
N GLY A 296 20.92 -0.80 -1.28
CA GLY A 296 20.65 0.06 -0.14
C GLY A 296 19.19 0.49 -0.07
N VAL A 297 18.30 -0.34 -0.59
CA VAL A 297 16.88 -0.05 -0.53
C VAL A 297 16.22 -1.04 0.43
N SER A 298 15.48 -0.49 1.40
CA SER A 298 14.81 -1.33 2.42
C SER A 298 13.93 -2.43 1.85
N ILE A 299 13.99 -3.61 2.47
CA ILE A 299 13.14 -4.72 2.09
C ILE A 299 13.18 -5.69 3.27
N VAL A 300 12.18 -6.57 3.36
CA VAL A 300 12.21 -7.58 4.44
C VAL A 300 11.92 -8.92 3.82
N ASP A 301 12.56 -9.97 4.32
CA ASP A 301 12.20 -11.30 3.81
C ASP A 301 11.02 -11.84 4.64
N HIS A 302 10.37 -12.90 4.15
CA HIS A 302 9.14 -13.34 4.80
C HIS A 302 9.37 -14.00 6.17
N HIS A 303 10.54 -14.59 6.38
CA HIS A 303 10.85 -15.21 7.67
C HIS A 303 10.99 -14.14 8.72
N THR A 304 11.78 -13.11 8.39
CA THR A 304 12.00 -12.00 9.32
C THR A 304 10.67 -11.27 9.57
N ALA A 305 9.93 -11.02 8.50
CA ALA A 305 8.60 -10.41 8.62
C ALA A 305 7.66 -11.21 9.52
N ALA A 306 7.59 -12.53 9.35
CA ALA A 306 6.79 -13.32 10.27
C ALA A 306 7.27 -13.25 11.72
N SER A 307 8.57 -13.22 11.94
CA SER A 307 9.12 -13.05 13.28
C SER A 307 8.73 -11.70 13.93
N GLN A 308 8.74 -10.64 13.13
CA GLN A 308 8.24 -9.35 13.61
C GLN A 308 6.77 -9.45 13.91
N PHE A 309 6.03 -10.14 13.06
CA PHE A 309 4.58 -10.24 13.29
C PHE A 309 4.26 -11.03 14.58
N LYS A 310 5.07 -12.04 14.86
CA LYS A 310 4.92 -12.74 16.16
C LYS A 310 5.09 -11.74 17.30
N ARG A 311 6.03 -10.83 17.17
CA ARG A 311 6.18 -9.83 18.24
C ARG A 311 4.96 -8.90 18.32
N PHE A 312 4.40 -8.56 17.15
CA PHE A 312 3.15 -7.78 17.13
C PHE A 312 2.05 -8.50 17.88
N GLU A 313 1.93 -9.83 17.67
CA GLU A 313 0.92 -10.59 18.41
C GLU A 313 1.17 -10.52 19.92
N GLU A 314 2.43 -10.66 20.30
CA GLU A 314 2.83 -10.63 21.71
C GLU A 314 2.53 -9.28 22.33
N GLN A 315 2.84 -8.22 21.59
CA GLN A 315 2.59 -6.86 22.06
C GLN A 315 1.09 -6.58 22.22
N ALA A 316 0.26 -7.11 21.32
CA ALA A 316 -1.18 -6.90 21.45
C ALA A 316 -1.70 -7.54 22.73
N GLU A 317 -1.27 -8.76 23.00
CA GLU A 317 -1.65 -9.46 24.22
C GLU A 317 -1.23 -8.67 25.45
N GLU A 318 -0.02 -8.12 25.42
CA GLU A 318 0.49 -7.40 26.57
C GLU A 318 -0.30 -6.12 26.84
N ALA A 319 -0.70 -5.47 25.75
CA ALA A 319 -1.45 -4.21 25.79
C ALA A 319 -2.90 -4.50 26.17
N GLY A 320 -3.28 -5.76 26.19
CA GLY A 320 -4.66 -6.14 26.43
C GLY A 320 -5.59 -5.88 25.25
N ARG A 321 -5.03 -5.77 24.05
CA ARG A 321 -5.85 -5.61 22.84
C ARG A 321 -6.08 -6.93 22.11
N LYS A 322 -7.31 -7.11 21.67
CA LYS A 322 -7.68 -8.21 20.80
C LYS A 322 -6.83 -8.14 19.53
N LEU A 323 -6.33 -9.27 19.05
CA LEU A 323 -5.64 -9.33 17.78
C LEU A 323 -6.60 -9.78 16.69
N THR A 324 -6.58 -9.10 15.55
CA THR A 324 -7.34 -9.59 14.42
C THR A 324 -6.39 -9.83 13.23
N GLY A 325 -6.77 -10.76 12.34
CA GLY A 325 -5.92 -11.12 11.23
C GLY A 325 -6.67 -11.97 10.23
N ASP A 326 -6.17 -11.93 9.00
CA ASP A 326 -6.70 -12.71 7.90
C ASP A 326 -5.61 -13.70 7.50
N TRP A 327 -5.76 -14.94 7.97
CA TRP A 327 -4.73 -15.95 7.78
C TRP A 327 -4.40 -16.12 6.31
N THR A 328 -5.42 -15.97 5.45
CA THR A 328 -5.21 -16.27 4.02
C THR A 328 -4.32 -15.24 3.33
N TRP A 329 -4.22 -14.04 3.93
CA TRP A 329 -3.27 -13.04 3.44
C TRP A 329 -1.97 -12.96 4.24
N LEU A 330 -2.02 -13.33 5.53
CA LEU A 330 -0.83 -13.22 6.38
C LEU A 330 0.22 -14.27 6.05
N ILE A 331 -0.21 -15.49 5.68
CA ILE A 331 0.82 -16.45 5.26
C ILE A 331 1.56 -15.95 4.00
N PRO A 332 2.90 -16.11 3.97
CA PRO A 332 3.61 -15.76 2.72
C PRO A 332 3.38 -16.82 1.68
N PRO A 333 3.50 -16.43 0.40
CA PRO A 333 3.28 -17.34 -0.74
C PRO A 333 4.48 -18.27 -1.02
N ILE A 334 5.56 -18.15 -0.24
CA ILE A 334 6.74 -19.04 -0.35
C ILE A 334 6.92 -19.69 1.05
N SER A 335 7.07 -21.03 1.10
CA SER A 335 7.24 -21.73 2.40
C SER A 335 6.35 -21.24 3.54
N PRO A 336 5.02 -21.19 3.33
CA PRO A 336 4.22 -20.62 4.44
C PRO A 336 4.28 -21.45 5.74
N ALA A 337 4.36 -22.76 5.63
CA ALA A 337 4.39 -23.59 6.80
C ALA A 337 5.71 -23.48 7.53
N ALA A 338 6.68 -22.78 6.97
CA ALA A 338 7.93 -22.49 7.73
C ALA A 338 7.77 -21.29 8.67
N THR A 339 6.58 -20.67 8.67
CA THR A 339 6.31 -19.55 9.55
C THR A 339 5.29 -19.92 10.60
N HIS A 340 5.33 -19.24 11.77
CA HIS A 340 4.42 -19.59 12.84
C HIS A 340 2.97 -19.24 12.45
N ILE A 341 2.82 -18.33 11.50
CA ILE A 341 1.49 -17.84 11.09
C ILE A 341 0.66 -19.02 10.59
N PHE A 342 1.30 -19.86 9.79
CA PHE A 342 0.59 -21.02 9.20
C PHE A 342 -0.07 -21.91 10.23
N HIS A 343 0.57 -22.00 11.41
CA HIS A 343 0.21 -23.01 12.41
C HIS A 343 -0.74 -22.50 13.48
N ARG A 344 -1.22 -21.27 13.29
CA ARG A 344 -2.24 -20.77 14.19
C ARG A 344 -3.42 -20.19 13.43
N SER A 345 -4.45 -19.75 14.15
CA SER A 345 -5.57 -19.13 13.49
C SER A 345 -5.75 -17.68 13.98
N TYR A 346 -6.51 -16.91 13.22
CA TYR A 346 -6.68 -15.48 13.49
C TYR A 346 -8.17 -15.12 13.33
N ASP A 347 -8.66 -14.26 14.20
CA ASP A 347 -10.00 -13.73 14.17
C ASP A 347 -10.04 -12.63 13.10
N ASN A 348 -10.80 -12.86 12.02
CA ASN A 348 -10.81 -11.90 10.89
C ASN A 348 -11.82 -10.76 11.07
N SER A 349 -12.11 -10.39 12.31
CA SER A 349 -13.12 -9.35 12.54
C SER A 349 -12.58 -8.00 12.10
N ILE A 350 -13.48 -7.15 11.63
CA ILE A 350 -13.04 -5.83 11.15
C ILE A 350 -13.20 -4.81 12.29
N VAL A 351 -12.10 -4.17 12.66
CA VAL A 351 -12.12 -3.15 13.72
C VAL A 351 -11.72 -1.81 13.06
N LYS A 352 -12.38 -0.71 13.44
CA LYS A 352 -12.03 0.62 12.92
C LYS A 352 -11.30 1.40 14.01
N PRO A 353 -10.44 2.38 13.63
CA PRO A 353 -10.06 2.85 12.28
C PRO A 353 -9.48 1.76 11.40
N ASN A 354 -9.62 1.91 10.10
CA ASN A 354 -9.06 0.91 9.20
C ASN A 354 -8.97 1.49 7.80
N TYR A 355 -8.33 0.74 6.90
CA TYR A 355 -8.24 1.09 5.48
C TYR A 355 -9.19 0.18 4.71
N PHE A 356 -9.91 0.74 3.73
CA PHE A 356 -10.97 0.01 3.00
C PHE A 356 -10.85 0.16 1.48
N TYR A 357 -11.31 -0.85 0.76
CA TYR A 357 -11.41 -0.74 -0.70
C TYR A 357 -12.44 0.26 -1.12
N GLN A 358 -12.24 0.87 -2.30
CA GLN A 358 -13.31 1.68 -2.90
C GLN A 358 -13.37 1.39 -4.39
N ASP A 359 -14.52 1.68 -5.00
CA ASP A 359 -14.72 1.46 -6.43
C ASP A 359 -13.72 2.26 -7.29
N LYS A 360 -13.23 1.65 -8.36
CA LYS A 360 -12.31 2.35 -9.26
C LYS A 360 -13.12 3.29 -10.17
N PRO A 361 -12.68 4.55 -10.32
CA PRO A 361 -13.43 5.47 -11.19
C PRO A 361 -13.21 5.22 -12.69
N TYR A 362 -12.20 4.44 -13.03
CA TYR A 362 -12.01 3.93 -14.39
C TYR A 362 -12.62 2.51 -14.36
N GLU A 363 -12.65 1.80 -15.48
CA GLU A 363 -13.42 0.53 -15.56
C GLU A 363 -14.87 0.48 -14.98
CHA HEM B . -1.17 -5.80 3.13
CHB HEM B . 3.59 -6.00 4.19
CHC HEM B . 3.37 -1.38 5.77
CHD HEM B . -1.52 -1.44 5.31
C1A HEM B . 0.17 -6.16 3.14
C2A HEM B . 0.69 -7.35 2.51
C3A HEM B . 2.01 -7.42 2.84
C4A HEM B . 2.34 -6.25 3.62
CMA HEM B . 3.00 -8.46 2.38
CAA HEM B . -0.04 -8.39 1.65
CBA HEM B . -0.19 -7.96 0.18
CGA HEM B . -0.50 -9.21 -0.66
O1A HEM B . -0.19 -10.35 -0.29
O2A HEM B . -1.05 -9.12 -1.73
C1B HEM B . 3.94 -4.74 4.72
C2B HEM B . 5.28 -4.34 5.01
C3B HEM B . 5.27 -3.07 5.42
C4B HEM B . 3.84 -2.68 5.46
CMB HEM B . 6.56 -5.14 4.84
CAB HEM B . 6.54 -2.39 5.81
CBB HEM B . 6.57 -1.36 6.69
C1C HEM B . 2.03 -0.98 5.66
C2C HEM B . 1.55 0.31 6.01
C3C HEM B . 0.16 0.29 5.95
C4C HEM B . -0.21 -1.03 5.51
CMC HEM B . 2.49 1.45 6.43
CAC HEM B . -0.81 1.39 6.20
CBC HEM B . -0.49 2.49 6.93
C1D HEM B . -1.74 -2.70 4.68
C2D HEM B . -3.08 -2.98 4.16
C3D HEM B . -2.98 -4.17 3.55
C4D HEM B . -1.58 -4.59 3.68
CMD HEM B . -4.32 -2.13 4.30
CAD HEM B . -4.12 -4.93 2.86
CBD HEM B . -4.35 -4.44 1.40
CGD HEM B . -5.52 -5.17 0.74
O1D HEM B . -5.53 -5.29 -0.50
O2D HEM B . -6.50 -5.58 1.37
NA HEM B . 1.17 -5.53 3.86
NB HEM B . 3.11 -3.74 4.99
NC HEM B . 0.95 -1.75 5.40
ND HEM B . -0.83 -3.67 4.36
FE HEM B . 1.03 -3.79 4.93
CL CL C . 3.01 -4.56 -5.30
C01 M5K D . 1.62 -0.39 2.53
C02 M5K D . 1.97 -1.74 1.90
C03 M5K D . 3.29 -2.23 1.97
C12 M5K D . 0.99 -2.50 1.23
C04 M5K D . 3.59 -3.48 1.40
N05 M5K D . 4.92 -3.98 1.46
N06 M5K D . 2.65 -4.18 0.72
C08 M5K D . 0.39 -4.47 -0.09
C07 M5K D . 1.35 -3.70 0.65
C10 M5K D . -1.29 -2.84 0.42
C11 M5K D . -0.36 -2.06 1.11
C09 M5K D . -0.94 -4.05 -0.20
C1 PEG E . -5.32 -14.60 -0.97
O1 PEG E . -5.69 -15.08 -2.27
C2 PEG E . -4.07 -13.73 -1.13
O2 PEG E . -4.24 -12.72 -2.13
C3 PEG E . -3.25 -11.68 -2.00
C4 PEG E . -3.17 -10.79 -3.26
O4 PEG E . -3.89 -11.36 -4.39
C1 GOL F . -8.67 -3.08 -4.26
O1 GOL F . -9.24 -3.41 -5.53
C2 GOL F . -7.33 -2.40 -4.47
O2 GOL F . -6.39 -3.33 -5.03
C3 GOL F . -6.80 -1.88 -3.13
O3 GOL F . -5.48 -1.34 -3.36
C1 PEG G . 14.99 -2.29 5.92
O1 PEG G . 15.60 -3.19 4.99
C2 PEG G . 13.61 -2.73 6.33
O2 PEG G . 13.68 -4.13 6.59
C3 PEG G . 12.70 -4.40 7.55
C4 PEG G . 13.52 -4.64 8.77
O4 PEG G . 13.04 -5.85 9.26
#